data_6FZQ
#
_entry.id   6FZQ
#
_cell.length_a   35.324
_cell.length_b   69.639
_cell.length_c   90.590
_cell.angle_alpha   90.00
_cell.angle_beta   90.00
_cell.angle_gamma   90.00
#
_symmetry.space_group_name_H-M   'P 21 21 21'
#
loop_
_entity.id
_entity.type
_entity.pdbx_description
1 polymer scFv-1SM3,scFv-1SM3
2 polymer Mucin-1
3 non-polymer 1,2-ETHANEDIOL
4 non-polymer 2-deoxy-2-[(difluoroacetyl)amino]-alpha-D-galactopyranose
5 water water
#
loop_
_entity_poly.entity_id
_entity_poly.type
_entity_poly.pdbx_seq_one_letter_code
_entity_poly.pdbx_strand_id
1 'polypeptide(L)'
;QVQLQESGGGLVQPGGSMKLSCVASGFTFSNYWMNWVRQSPEKGLEWVAEIRLKSNNYATHYAESVKGRFTISRDDSKSS
VYLQMNNLRAEDTGIYYCTGVGQFAYWGQGTTVTVSSSSGGGGSGGGGGSSGSSDIVVTQESALTTSPGETVTLTCRSST
GAVTTSNYANWVQEKPDHLFTGLIGGTNNRAPGVPARFSGSLIGDKAALTITGAQTEDEAIYFCALWYSNHWVFGGGTKL
TVLG
;
H
2 'polypeptide(L)' APDTRP P
#
loop_
_chem_comp.id
_chem_comp.type
_chem_comp.name
_chem_comp.formula
EDO non-polymer 1,2-ETHANEDIOL 'C2 H6 O2'
EEN D-saccharide, alpha linking 2-deoxy-2-[(difluoroacetyl)amino]-alpha-D-galactopyranose 'C8 H13 F2 N O6'
#
# COMPACT_ATOMS: atom_id res chain seq x y z
N GLN A 1 18.27 7.32 -2.23
CA GLN A 1 16.84 7.60 -1.94
C GLN A 1 16.01 7.53 -3.24
N VAL A 2 14.94 6.78 -3.15
CA VAL A 2 13.88 6.77 -4.13
C VAL A 2 12.95 7.92 -3.78
N GLN A 3 12.37 8.55 -4.78
CA GLN A 3 11.36 9.59 -4.58
C GLN A 3 10.18 9.29 -5.49
N LEU A 4 8.98 9.35 -4.93
CA LEU A 4 7.75 9.33 -5.70
C LEU A 4 7.03 10.59 -5.33
N GLN A 5 6.52 11.30 -6.34
CA GLN A 5 5.84 12.58 -6.07
C GLN A 5 4.55 12.69 -6.84
N GLU A 6 3.44 12.66 -6.11
CA GLU A 6 2.10 12.72 -6.66
C GLU A 6 1.69 14.19 -6.83
N SER A 7 0.78 14.43 -7.75
CA SER A 7 0.16 15.75 -7.88
C SER A 7 -1.17 15.61 -8.58
N GLY A 8 -1.98 16.66 -8.54
CA GLY A 8 -3.22 16.71 -9.29
C GLY A 8 -4.51 16.69 -8.49
N GLY A 9 -4.42 16.48 -7.20
CA GLY A 9 -5.58 16.45 -6.35
C GLY A 9 -6.22 17.81 -6.16
N GLY A 10 -7.26 17.84 -5.36
CA GLY A 10 -8.03 19.06 -5.25
C GLY A 10 -9.37 18.84 -4.62
N LEU A 11 -10.28 19.77 -4.89
CA LEU A 11 -11.63 19.80 -4.32
C LEU A 11 -12.55 19.82 -5.53
N VAL A 12 -13.33 18.75 -5.70
CA VAL A 12 -14.08 18.49 -6.93
CA VAL A 12 -14.11 18.55 -6.92
C VAL A 12 -15.54 18.15 -6.57
N GLN A 13 -16.41 18.24 -7.55
CA GLN A 13 -17.81 17.98 -7.39
C GLN A 13 -18.11 16.51 -7.77
N PRO A 14 -19.10 15.89 -7.10
CA PRO A 14 -19.48 14.57 -7.58
C PRO A 14 -19.89 14.64 -9.05
N GLY A 15 -19.47 13.64 -9.80
CA GLY A 15 -19.70 13.57 -11.23
C GLY A 15 -18.52 14.10 -11.98
N GLY A 16 -17.61 14.78 -11.29
CA GLY A 16 -16.46 15.40 -11.93
C GLY A 16 -15.39 14.40 -12.33
N SER A 17 -14.33 14.95 -12.91
CA SER A 17 -13.15 14.19 -13.37
C SER A 17 -11.90 14.87 -12.92
N MET A 18 -10.85 14.08 -12.76
CA MET A 18 -9.56 14.58 -12.32
C MET A 18 -8.50 13.60 -12.78
N LYS A 19 -7.31 14.08 -13.05
CA LYS A 19 -6.20 13.20 -13.38
C LYS A 19 -5.07 13.43 -12.41
N LEU A 20 -4.62 12.36 -11.76
CA LEU A 20 -3.46 12.44 -10.87
C LEU A 20 -2.25 11.97 -11.62
N SER A 21 -1.10 12.48 -11.20
CA SER A 21 0.19 12.12 -11.78
C SER A 21 1.12 11.77 -10.66
N CYS A 22 2.11 10.96 -10.98
CA CYS A 22 3.15 10.63 -10.04
C CYS A 22 4.44 10.44 -10.84
N VAL A 23 5.49 11.14 -10.40
CA VAL A 23 6.82 11.05 -10.99
C VAL A 23 7.78 10.37 -10.03
N ALA A 24 8.53 9.41 -10.58
CA ALA A 24 9.43 8.56 -9.87
C ALA A 24 10.90 8.87 -10.23
N SER A 25 11.78 8.72 -9.26
CA SER A 25 13.24 8.74 -9.49
C SER A 25 13.96 7.80 -8.56
N GLY A 26 15.19 7.40 -8.94
CA GLY A 26 16.06 6.65 -8.02
C GLY A 26 15.94 5.15 -8.15
N PHE A 27 15.06 4.69 -9.03
CA PHE A 27 14.96 3.28 -9.34
C PHE A 27 14.53 3.13 -10.81
N THR A 28 14.75 1.94 -11.37
CA THR A 28 14.45 1.69 -12.75
C THR A 28 12.94 1.46 -12.88
N PHE A 29 12.23 2.58 -12.93
CA PHE A 29 10.78 2.67 -12.98
C PHE A 29 10.15 1.68 -13.95
N SER A 30 10.70 1.59 -15.16
CA SER A 30 10.05 0.80 -16.19
C SER A 30 10.13 -0.72 -15.95
N ASN A 31 10.90 -1.18 -14.97
CA ASN A 31 10.97 -2.60 -14.64
C ASN A 31 10.00 -3.03 -13.55
N TYR A 32 9.24 -2.10 -12.97
CA TYR A 32 8.33 -2.38 -11.86
C TYR A 32 6.88 -2.03 -12.14
N TRP A 33 5.99 -2.86 -11.59
CA TRP A 33 4.61 -2.53 -11.64
C TRP A 33 4.37 -1.34 -10.71
N MET A 34 3.35 -0.56 -11.03
CA MET A 34 3.02 0.59 -10.19
C MET A 34 1.56 0.47 -9.76
N ASN A 35 1.28 0.95 -8.56
CA ASN A 35 -0.08 0.90 -8.00
C ASN A 35 -0.49 2.29 -7.55
N TRP A 36 -1.79 2.48 -7.46
CA TRP A 36 -2.41 3.57 -6.71
C TRP A 36 -3.14 2.95 -5.55
N VAL A 37 -2.99 3.58 -4.39
CA VAL A 37 -3.67 3.17 -3.15
C VAL A 37 -4.20 4.44 -2.52
N ARG A 38 -5.40 4.38 -1.98
CA ARG A 38 -5.94 5.55 -1.34
C ARG A 38 -6.23 5.32 0.14
N GLN A 39 -6.11 6.38 0.91
CA GLN A 39 -6.42 6.35 2.35
C GLN A 39 -7.59 7.25 2.65
N SER A 40 -8.62 6.72 3.30
CA SER A 40 -9.70 7.57 3.85
C SER A 40 -9.91 7.26 5.34
N PRO A 41 -10.46 8.22 6.12
CA PRO A 41 -10.78 7.85 7.51
C PRO A 41 -11.84 6.75 7.60
N GLU A 42 -12.82 6.81 6.69
CA GLU A 42 -13.93 5.84 6.61
C GLU A 42 -13.48 4.39 6.31
N LYS A 43 -12.56 4.23 5.35
CA LYS A 43 -12.20 2.91 4.79
C LYS A 43 -10.71 2.50 4.94
N GLY A 44 -9.87 3.31 5.60
CA GLY A 44 -8.47 2.95 5.88
C GLY A 44 -7.71 2.99 4.56
N LEU A 45 -6.77 2.06 4.35
CA LEU A 45 -6.08 1.93 3.07
C LEU A 45 -6.84 1.03 2.13
N GLU A 46 -6.97 1.48 0.89
CA GLU A 46 -7.64 0.73 -0.14
C GLU A 46 -6.82 0.75 -1.43
N TRP A 47 -6.48 -0.43 -1.94
CA TRP A 47 -5.78 -0.57 -3.21
C TRP A 47 -6.76 -0.22 -4.31
N VAL A 48 -6.31 0.55 -5.28
CA VAL A 48 -7.19 1.08 -6.34
C VAL A 48 -6.90 0.42 -7.70
N ALA A 49 -5.63 0.35 -8.06
CA ALA A 49 -5.26 -0.09 -9.39
C ALA A 49 -3.77 -0.43 -9.46
N GLU A 50 -3.44 -1.31 -10.42
CA GLU A 50 -2.07 -1.65 -10.77
C GLU A 50 -1.90 -1.53 -12.25
N ILE A 51 -0.67 -1.26 -12.65
CA ILE A 51 -0.29 -1.34 -14.07
C ILE A 51 1.06 -2.05 -14.13
N ARG A 52 1.15 -3.00 -15.05
CA ARG A 52 2.28 -3.89 -15.17
C ARG A 52 3.22 -3.28 -16.23
N LEU A 53 4.06 -4.10 -16.86
CA LEU A 53 5.16 -3.59 -17.68
C LEU A 53 4.79 -3.54 -19.15
N LYS A 54 5.67 -2.90 -19.91
CA LYS A 54 5.58 -2.92 -21.39
C LYS A 54 5.53 -4.37 -21.92
N SER A 55 6.40 -5.22 -21.37
CA SER A 55 6.42 -6.65 -21.73
C SER A 55 5.12 -7.40 -21.38
N ASN A 56 4.26 -6.81 -20.57
CA ASN A 56 2.93 -7.36 -20.25
C ASN A 56 1.84 -6.63 -20.99
N ASN A 57 2.20 -5.93 -22.08
CA ASN A 57 1.29 -5.05 -22.80
C ASN A 57 0.54 -4.08 -21.88
N TYR A 58 1.27 -3.62 -20.86
CA TYR A 58 0.76 -2.66 -19.88
C TYR A 58 -0.57 -3.09 -19.25
N ALA A 59 -0.65 -4.39 -18.94
CA ALA A 59 -1.86 -4.99 -18.37
C ALA A 59 -2.24 -4.21 -17.10
N THR A 60 -3.54 -4.04 -16.89
CA THR A 60 -4.02 -3.28 -15.74
C THR A 60 -5.10 -4.05 -14.99
N HIS A 61 -5.21 -3.78 -13.70
CA HIS A 61 -6.32 -4.35 -12.88
C HIS A 61 -6.73 -3.29 -11.89
N TYR A 62 -7.98 -3.41 -11.46
CA TYR A 62 -8.66 -2.35 -10.75
C TYR A 62 -9.46 -2.95 -9.63
N ALA A 63 -9.59 -2.20 -8.54
CA ALA A 63 -10.60 -2.50 -7.55
C ALA A 63 -12.01 -2.46 -8.16
N GLU A 64 -12.87 -3.31 -7.61
CA GLU A 64 -14.23 -3.38 -8.12
C GLU A 64 -14.93 -2.02 -7.98
N SER A 65 -14.64 -1.31 -6.89
CA SER A 65 -15.23 0.01 -6.61
C SER A 65 -14.95 1.10 -7.67
N VAL A 66 -13.88 0.95 -8.46
CA VAL A 66 -13.52 1.98 -9.44
C VAL A 66 -13.56 1.52 -10.88
N LYS A 67 -13.81 0.23 -11.08
CA LYS A 67 -13.81 -0.34 -12.42
C LYS A 67 -14.80 0.42 -13.31
N GLY A 68 -14.34 0.77 -14.51
CA GLY A 68 -15.16 1.51 -15.45
C GLY A 68 -15.23 3.01 -15.21
N ARG A 69 -14.67 3.48 -14.08
CA ARG A 69 -14.61 4.91 -13.81
C ARG A 69 -13.17 5.42 -13.84
N PHE A 70 -12.22 4.57 -13.42
CA PHE A 70 -10.82 5.00 -13.32
C PHE A 70 -9.98 4.31 -14.39
N THR A 71 -8.92 4.99 -14.83
CA THR A 71 -7.94 4.45 -15.75
C THR A 71 -6.53 4.76 -15.27
N ILE A 72 -5.74 3.70 -15.10
CA ILE A 72 -4.32 3.83 -14.77
C ILE A 72 -3.49 3.73 -16.05
N SER A 73 -2.40 4.49 -16.12
CA SER A 73 -1.54 4.48 -17.29
C SER A 73 -0.15 4.90 -16.86
N ARG A 74 0.81 4.71 -17.72
CA ARG A 74 2.18 5.09 -17.40
C ARG A 74 2.91 5.52 -18.64
N ASP A 75 3.97 6.30 -18.41
CA ASP A 75 4.84 6.77 -19.47
C ASP A 75 6.27 6.60 -18.98
N ASP A 76 6.84 5.48 -19.40
CA ASP A 76 8.15 5.04 -19.00
C ASP A 76 9.22 6.03 -19.42
N SER A 77 9.04 6.73 -20.55
CA SER A 77 10.04 7.75 -20.96
C SER A 77 10.08 8.95 -20.01
N LYS A 78 9.00 9.16 -19.23
CA LYS A 78 8.93 10.23 -18.22
C LYS A 78 8.92 9.72 -16.77
N SER A 79 9.09 8.41 -16.60
CA SER A 79 9.06 7.78 -15.30
C SER A 79 7.82 8.21 -14.54
N SER A 80 6.65 8.18 -15.21
CA SER A 80 5.42 8.67 -14.60
C SER A 80 4.31 7.69 -14.69
N VAL A 81 3.44 7.75 -13.70
CA VAL A 81 2.20 6.95 -13.65
C VAL A 81 1.03 7.91 -13.41
N TYR A 82 -0.12 7.58 -13.96
CA TYR A 82 -1.24 8.46 -13.96
C TYR A 82 -2.46 7.70 -13.53
N LEU A 83 -3.40 8.43 -12.94
CA LEU A 83 -4.72 7.90 -12.60
C LEU A 83 -5.74 8.92 -13.07
N GLN A 84 -6.48 8.54 -14.10
CA GLN A 84 -7.62 9.31 -14.59
C GLN A 84 -8.86 8.82 -13.86
N MET A 85 -9.54 9.74 -13.18
CA MET A 85 -10.72 9.46 -12.38
C MET A 85 -11.94 10.16 -12.97
N ASN A 86 -12.89 9.40 -13.48
CA ASN A 86 -14.13 9.91 -13.99
C ASN A 86 -15.32 9.59 -13.09
N ASN A 87 -16.39 10.36 -13.26
CA ASN A 87 -17.63 10.11 -12.53
C ASN A 87 -17.34 9.97 -11.03
N LEU A 88 -16.60 10.95 -10.49
CA LEU A 88 -16.20 10.90 -9.08
C LEU A 88 -17.40 10.86 -8.14
N ARG A 89 -17.27 10.08 -7.08
CA ARG A 89 -18.28 9.89 -6.05
C ARG A 89 -17.74 10.39 -4.73
N ALA A 90 -18.62 10.71 -3.79
CA ALA A 90 -18.17 11.12 -2.45
C ALA A 90 -17.20 10.10 -1.81
N GLU A 91 -17.48 8.82 -2.03
CA GLU A 91 -16.65 7.73 -1.48
C GLU A 91 -15.21 7.69 -2.06
N ASP A 92 -14.93 8.45 -3.13
CA ASP A 92 -13.61 8.52 -3.71
C ASP A 92 -12.73 9.50 -2.94
N THR A 93 -13.29 10.24 -1.98
CA THR A 93 -12.50 11.14 -1.17
C THR A 93 -11.39 10.39 -0.42
N GLY A 94 -10.16 10.89 -0.50
CA GLY A 94 -9.05 10.35 0.27
C GLY A 94 -7.73 10.89 -0.19
N ILE A 95 -6.68 10.41 0.46
CA ILE A 95 -5.34 10.73 0.05
C ILE A 95 -4.88 9.64 -0.90
N TYR A 96 -4.43 10.02 -2.09
CA TYR A 96 -4.02 9.06 -3.09
C TYR A 96 -2.50 8.96 -3.19
N TYR A 97 -2.00 7.72 -3.18
CA TYR A 97 -0.58 7.41 -3.20
C TYR A 97 -0.25 6.54 -4.37
N CYS A 98 0.90 6.81 -4.99
CA CYS A 98 1.49 5.86 -5.96
C CYS A 98 2.54 5.08 -5.17
N THR A 99 2.60 3.80 -5.42
CA THR A 99 3.44 2.91 -4.66
C THR A 99 3.80 1.68 -5.48
N GLY A 100 5.01 1.21 -5.25
CA GLY A 100 5.41 -0.08 -5.80
C GLY A 100 6.72 -0.57 -5.28
N VAL A 101 7.16 -1.65 -5.91
CA VAL A 101 8.43 -2.36 -5.67
C VAL A 101 8.34 -3.32 -4.50
N GLY A 102 8.36 -4.60 -4.82
CA GLY A 102 8.55 -5.67 -3.86
C GLY A 102 7.70 -5.77 -2.61
N GLN A 103 6.39 -5.52 -2.60
CA GLN A 103 5.54 -4.98 -3.62
C GLN A 103 5.08 -3.54 -3.32
N PHE A 104 5.19 -3.06 -2.06
CA PHE A 104 4.80 -1.69 -1.64
C PHE A 104 5.91 -1.07 -0.83
N ALA A 105 7.35 -1.20 -1.43
CA ALA A 105 8.45 -0.59 -0.63
C ALA A 105 8.32 0.90 -0.59
N TYR A 106 7.94 1.50 -1.73
CA TYR A 106 8.08 2.92 -1.90
C TYR A 106 6.72 3.54 -2.11
N TRP A 107 6.51 4.68 -1.47
CA TRP A 107 5.28 5.44 -1.44
C TRP A 107 5.59 6.89 -1.67
N GLY A 108 4.74 7.57 -2.43
CA GLY A 108 4.83 9.00 -2.48
C GLY A 108 4.23 9.63 -1.22
N GLN A 109 4.27 10.96 -1.21
CA GLN A 109 3.77 11.75 -0.11
C GLN A 109 2.25 11.85 -0.14
N GLY A 110 1.65 11.59 -1.29
CA GLY A 110 0.20 11.56 -1.44
C GLY A 110 -0.35 12.88 -1.95
N THR A 111 -1.51 12.82 -2.58
CA THR A 111 -2.23 14.02 -3.05
C THR A 111 -3.69 13.83 -2.63
N THR A 112 -4.27 14.86 -2.04
CA THR A 112 -5.60 14.76 -1.44
C THR A 112 -6.66 15.08 -2.50
N VAL A 113 -7.68 14.26 -2.53
CA VAL A 113 -8.80 14.40 -3.46
C VAL A 113 -9.99 14.46 -2.54
N THR A 114 -10.67 15.60 -2.53
CA THR A 114 -11.91 15.73 -1.74
C THR A 114 -13.08 15.93 -2.69
N VAL A 115 -14.07 15.04 -2.64
CA VAL A 115 -15.20 15.11 -3.51
C VAL A 115 -16.38 15.52 -2.64
N SER A 116 -16.95 16.70 -2.88
CA SER A 116 -18.10 17.15 -2.06
C SER A 116 -19.06 18.04 -2.82
N ASP A 135 -16.61 -10.63 -1.14
CA ASP A 135 -15.71 -9.64 -0.59
C ASP A 135 -14.85 -10.28 0.50
N ILE A 136 -13.59 -9.89 0.47
CA ILE A 136 -12.57 -10.47 1.34
C ILE A 136 -12.31 -9.45 2.41
N VAL A 137 -12.19 -9.93 3.64
CA VAL A 137 -11.85 -9.07 4.74
C VAL A 137 -10.52 -9.54 5.32
N VAL A 138 -9.62 -8.59 5.49
CA VAL A 138 -8.29 -8.88 6.07
C VAL A 138 -8.32 -8.21 7.43
N THR A 139 -8.07 -8.97 8.48
CA THR A 139 -8.19 -8.47 9.84
C THR A 139 -6.85 -8.42 10.52
N GLN A 140 -6.61 -7.29 11.20
CA GLN A 140 -5.42 -7.07 12.04
C GLN A 140 -5.87 -6.73 13.45
N GLU A 141 -4.99 -6.89 14.41
CA GLU A 141 -5.25 -6.41 15.77
C GLU A 141 -5.50 -4.90 15.70
N SER A 142 -6.51 -4.39 16.40
CA SER A 142 -6.76 -2.95 16.37
C SER A 142 -5.60 -2.18 16.96
N ALA A 143 -5.13 -2.66 18.12
CA ALA A 143 -4.03 -1.99 18.86
C ALA A 143 -3.21 -3.01 19.61
N LEU A 144 -1.89 -2.70 19.77
CA LEU A 144 -1.02 -3.46 20.64
C LEU A 144 -0.14 -2.48 21.38
N THR A 145 0.21 -2.81 22.60
CA THR A 145 1.04 -1.98 23.44
C THR A 145 2.28 -2.80 23.79
N THR A 146 3.46 -2.17 23.63
CA THR A 146 4.70 -2.82 23.98
C THR A 146 5.60 -1.79 24.70
N SER A 147 6.83 -2.20 24.97
CA SER A 147 7.79 -1.26 25.52
C SER A 147 9.13 -1.51 24.82
N PRO A 148 10.04 -0.54 24.91
CA PRO A 148 11.30 -0.72 24.21
C PRO A 148 11.99 -2.01 24.63
N GLY A 149 12.55 -2.71 23.65
CA GLY A 149 13.31 -3.92 23.89
C GLY A 149 12.52 -5.18 23.96
N GLU A 150 11.19 -5.09 23.91
CA GLU A 150 10.36 -6.27 23.83
C GLU A 150 10.25 -6.79 22.42
N THR A 151 9.80 -8.03 22.30
CA THR A 151 9.48 -8.58 20.97
C THR A 151 7.97 -8.54 20.79
N VAL A 152 7.52 -7.94 19.70
CA VAL A 152 6.08 -7.82 19.46
C VAL A 152 5.76 -8.38 18.11
N THR A 153 4.65 -9.11 18.02
CA THR A 153 4.24 -9.71 16.77
C THR A 153 2.85 -9.24 16.41
N LEU A 154 2.75 -8.69 15.22
CA LEU A 154 1.48 -8.24 14.67
C LEU A 154 1.01 -9.28 13.69
N THR A 155 -0.31 -9.52 13.61
CA THR A 155 -0.84 -10.55 12.73
C THR A 155 -1.90 -10.07 11.76
N CYS A 156 -2.10 -10.86 10.73
CA CYS A 156 -2.89 -10.48 9.59
C CYS A 156 -3.60 -11.75 9.13
N ARG A 157 -4.92 -11.76 9.28
CA ARG A 157 -5.79 -12.91 9.00
C ARG A 157 -6.67 -12.63 7.78
N SER A 158 -6.92 -13.67 6.97
CA SER A 158 -7.82 -13.55 5.81
C SER A 158 -9.13 -14.24 6.09
N SER A 159 -10.24 -13.65 5.65
CA SER A 159 -11.54 -14.30 5.74
C SER A 159 -11.65 -15.49 4.82
N THR A 160 -10.74 -15.64 3.85
CA THR A 160 -10.81 -16.77 2.89
C THR A 160 -10.30 -18.09 3.45
N GLY A 161 -9.61 -18.06 4.59
CA GLY A 161 -8.92 -19.24 5.10
C GLY A 161 -7.46 -18.84 5.37
N ALA A 162 -6.56 -19.81 5.27
CA ALA A 162 -5.18 -19.63 5.59
C ALA A 162 -4.47 -18.67 4.66
N VAL A 163 -3.67 -17.81 5.26
CA VAL A 163 -2.70 -17.03 4.52
C VAL A 163 -1.53 -17.94 4.19
N THR A 164 -1.12 -17.93 2.93
CA THR A 164 0.02 -18.71 2.48
C THR A 164 1.00 -17.81 1.75
N THR A 165 2.14 -18.37 1.33
CA THR A 165 3.10 -17.60 0.55
C THR A 165 2.49 -17.13 -0.79
N SER A 166 1.43 -17.79 -1.30
CA SER A 166 0.68 -17.30 -2.46
C SER A 166 -0.18 -16.02 -2.25
N ASN A 167 -0.26 -15.53 -1.01
CA ASN A 167 -0.80 -14.21 -0.76
C ASN A 167 0.24 -13.09 -0.68
N TYR A 168 1.53 -13.39 -0.82
CA TYR A 168 2.60 -12.40 -0.90
C TYR A 168 2.42 -11.25 0.09
N ALA A 169 2.28 -11.61 1.36
CA ALA A 169 1.93 -10.61 2.37
C ALA A 169 2.94 -9.50 2.37
N ASN A 170 2.43 -8.27 2.40
CA ASN A 170 3.27 -7.06 2.61
C ASN A 170 2.91 -6.38 3.91
N TRP A 171 3.88 -5.70 4.48
CA TRP A 171 3.67 -4.90 5.68
C TRP A 171 4.20 -3.50 5.40
N VAL A 172 3.39 -2.50 5.70
CA VAL A 172 3.70 -1.09 5.53
C VAL A 172 3.47 -0.32 6.84
N GLN A 173 4.33 0.66 7.09
CA GLN A 173 4.27 1.46 8.31
C GLN A 173 3.80 2.86 7.92
N GLU A 174 2.88 3.41 8.69
CA GLU A 174 2.44 4.80 8.54
C GLU A 174 2.87 5.58 9.76
N LYS A 175 3.58 6.66 9.53
CA LYS A 175 3.99 7.61 10.59
C LYS A 175 3.37 8.99 10.31
N PRO A 176 3.41 9.90 11.31
CA PRO A 176 2.89 11.24 11.01
C PRO A 176 3.87 11.94 10.04
N ASP A 177 3.40 12.59 8.98
CA ASP A 177 2.00 12.93 8.71
C ASP A 177 1.60 12.15 7.45
N HIS A 178 0.88 11.05 7.62
CA HIS A 178 0.53 10.17 6.44
C HIS A 178 1.75 9.81 5.60
N LEU A 179 2.81 9.44 6.32
CA LEU A 179 4.09 9.08 5.74
C LEU A 179 4.15 7.55 5.73
N PHE A 180 4.16 6.92 4.54
CA PHE A 180 4.20 5.46 4.46
C PHE A 180 5.54 4.94 4.01
N THR A 181 5.97 3.82 4.60
CA THR A 181 7.15 3.13 4.12
C THR A 181 6.88 1.62 4.16
N GLY A 182 7.21 0.94 3.08
CA GLY A 182 7.05 -0.50 3.04
C GLY A 182 8.18 -1.14 3.85
N LEU A 183 7.84 -2.18 4.59
CA LEU A 183 8.80 -2.88 5.42
C LEU A 183 9.14 -4.25 4.90
N ILE A 184 8.12 -5.01 4.55
CA ILE A 184 8.23 -6.42 4.16
C ILE A 184 7.36 -6.66 2.95
N GLY A 185 7.89 -7.42 1.98
CA GLY A 185 7.09 -7.87 0.85
C GLY A 185 7.33 -9.34 0.62
N GLY A 186 6.50 -9.97 -0.19
CA GLY A 186 6.64 -11.42 -0.46
C GLY A 186 6.74 -12.25 0.80
N THR A 187 5.90 -11.92 1.79
CA THR A 187 5.81 -12.62 3.06
C THR A 187 6.94 -12.25 4.03
N ASN A 188 8.19 -12.38 3.60
CA ASN A 188 9.29 -12.25 4.54
C ASN A 188 10.53 -11.56 4.02
N ASN A 189 10.41 -10.86 2.91
CA ASN A 189 11.55 -10.13 2.35
C ASN A 189 11.57 -8.69 2.83
N ARG A 190 12.60 -8.32 3.60
CA ARG A 190 12.76 -6.92 4.03
C ARG A 190 13.07 -5.96 2.86
N ALA A 191 12.38 -4.83 2.80
CA ALA A 191 12.71 -3.81 1.78
C ALA A 191 14.11 -3.22 2.04
N PRO A 192 14.81 -2.75 0.98
CA PRO A 192 16.15 -2.21 1.24
C PRO A 192 16.14 -1.05 2.25
N GLY A 193 17.14 -1.04 3.14
CA GLY A 193 17.24 0.01 4.15
C GLY A 193 16.30 -0.13 5.34
N VAL A 194 15.46 -1.17 5.37
CA VAL A 194 14.57 -1.41 6.51
C VAL A 194 15.39 -2.02 7.61
N PRO A 195 15.23 -1.53 8.85
CA PRO A 195 16.03 -2.07 9.95
C PRO A 195 15.88 -3.58 10.17
N ALA A 196 16.96 -4.18 10.66
CA ALA A 196 17.06 -5.62 10.92
C ALA A 196 16.03 -6.16 11.93
N ARG A 197 15.58 -5.30 12.84
CA ARG A 197 14.58 -5.72 13.85
C ARG A 197 13.23 -6.08 13.29
N PHE A 198 12.93 -5.73 12.03
CA PHE A 198 11.65 -6.08 11.42
C PHE A 198 11.79 -7.39 10.70
N SER A 199 10.83 -8.29 10.89
CA SER A 199 10.85 -9.54 10.08
C SER A 199 9.41 -9.99 9.82
N GLY A 200 9.24 -10.72 8.73
CA GLY A 200 7.94 -11.25 8.34
C GLY A 200 7.92 -12.74 8.43
N SER A 201 6.76 -13.31 8.74
CA SER A 201 6.58 -14.72 8.82
C SER A 201 5.13 -15.11 8.52
N LEU A 202 4.94 -16.42 8.45
CA LEU A 202 3.61 -17.00 8.50
C LEU A 202 3.55 -17.85 9.75
N ILE A 203 2.53 -17.66 10.57
CA ILE A 203 2.41 -18.38 11.82
C ILE A 203 0.95 -18.75 11.98
N GLY A 204 0.64 -20.04 12.20
CA GLY A 204 -0.77 -20.49 12.34
C GLY A 204 -1.71 -19.97 11.28
N ASP A 205 -1.30 -20.03 10.04
CA ASP A 205 -2.19 -19.59 8.93
C ASP A 205 -2.56 -18.08 8.90
N LYS A 206 -1.73 -17.27 9.55
CA LYS A 206 -1.83 -15.81 9.50
C LYS A 206 -0.47 -15.32 9.02
N ALA A 207 -0.45 -14.15 8.38
CA ALA A 207 0.84 -13.46 8.15
C ALA A 207 1.18 -12.68 9.41
N ALA A 208 2.47 -12.45 9.66
CA ALA A 208 2.90 -11.84 10.89
C ALA A 208 4.14 -11.00 10.66
N LEU A 209 4.15 -9.85 11.29
CA LEU A 209 5.28 -8.93 11.36
C LEU A 209 5.78 -8.95 12.78
N THR A 210 7.08 -9.17 12.95
CA THR A 210 7.68 -9.19 14.28
C THR A 210 8.71 -8.09 14.37
N ILE A 211 8.64 -7.35 15.47
CA ILE A 211 9.67 -6.41 15.83
C ILE A 211 10.44 -7.03 16.99
N THR A 212 11.70 -7.38 16.74
CA THR A 212 12.53 -8.03 17.75
C THR A 212 13.39 -6.97 18.42
N GLY A 213 12.86 -6.47 19.52
CA GLY A 213 13.50 -5.36 20.22
C GLY A 213 12.87 -4.08 19.76
N ALA A 214 11.67 -3.78 20.29
CA ALA A 214 10.92 -2.61 19.79
C ALA A 214 11.62 -1.35 20.22
N GLN A 215 11.55 -0.32 19.39
CA GLN A 215 12.16 0.99 19.77
C GLN A 215 11.08 2.05 19.83
N THR A 216 11.31 3.15 20.55
CA THR A 216 10.28 4.18 20.69
C THR A 216 9.78 4.69 19.33
N GLU A 217 10.68 4.85 18.36
CA GLU A 217 10.31 5.31 17.02
C GLU A 217 9.46 4.33 16.22
N ASP A 218 9.25 3.13 16.74
CA ASP A 218 8.39 2.18 16.07
C ASP A 218 6.92 2.38 16.39
N GLU A 219 6.61 3.30 17.29
CA GLU A 219 5.21 3.65 17.51
C GLU A 219 4.63 4.23 16.21
N ALA A 220 3.63 3.55 15.66
CA ALA A 220 3.16 3.83 14.29
C ALA A 220 1.94 2.99 14.06
N ILE A 221 1.30 3.19 12.91
CA ILE A 221 0.26 2.27 12.43
C ILE A 221 0.86 1.32 11.41
N TYR A 222 0.58 0.04 11.54
CA TYR A 222 1.13 -0.97 10.64
C TYR A 222 0.00 -1.59 9.86
N PHE A 223 0.09 -1.60 8.54
CA PHE A 223 -0.92 -2.25 7.68
C PHE A 223 -0.34 -3.47 7.04
N CYS A 224 -1.14 -4.51 6.87
CA CYS A 224 -0.76 -5.61 6.02
C CYS A 224 -1.59 -5.55 4.74
N ALA A 225 -1.05 -6.12 3.69
CA ALA A 225 -1.79 -6.31 2.46
C ALA A 225 -1.57 -7.71 1.94
N LEU A 226 -2.65 -8.33 1.47
CA LEU A 226 -2.65 -9.69 0.92
C LEU A 226 -3.11 -9.69 -0.53
N TRP A 227 -2.46 -10.54 -1.32
CA TRP A 227 -2.72 -10.64 -2.77
C TRP A 227 -3.64 -11.80 -3.05
N TYR A 228 -4.67 -11.56 -3.87
CA TYR A 228 -5.63 -12.59 -4.25
C TYR A 228 -5.79 -12.61 -5.77
N SER A 229 -4.85 -13.28 -6.41
CA SER A 229 -4.87 -13.56 -7.85
C SER A 229 -4.58 -12.35 -8.74
N ASN A 230 -5.37 -11.29 -8.57
CA ASN A 230 -5.25 -10.07 -9.38
C ASN A 230 -5.61 -8.78 -8.65
N HIS A 231 -5.71 -8.82 -7.32
CA HIS A 231 -5.93 -7.59 -6.57
C HIS A 231 -5.37 -7.75 -5.17
N TRP A 232 -5.17 -6.61 -4.52
CA TRP A 232 -4.71 -6.57 -3.14
C TRP A 232 -5.84 -6.18 -2.23
N VAL A 233 -5.81 -6.71 -1.00
CA VAL A 233 -6.73 -6.26 0.02
C VAL A 233 -5.88 -5.90 1.24
N PHE A 234 -5.96 -4.64 1.65
CA PHE A 234 -5.27 -4.15 2.88
C PHE A 234 -6.09 -4.43 4.14
N GLY A 235 -5.40 -4.77 5.22
CA GLY A 235 -6.01 -4.91 6.53
C GLY A 235 -6.36 -3.55 7.08
N GLY A 236 -7.08 -3.53 8.19
CA GLY A 236 -7.48 -2.27 8.81
C GLY A 236 -6.41 -1.51 9.58
N GLY A 237 -5.23 -2.08 9.73
CA GLY A 237 -4.14 -1.43 10.44
C GLY A 237 -4.12 -1.74 11.91
N THR A 238 -2.93 -1.79 12.47
CA THR A 238 -2.76 -1.94 13.91
C THR A 238 -2.02 -0.73 14.42
N LYS A 239 -2.55 -0.11 15.48
CA LYS A 239 -1.86 0.94 16.16
C LYS A 239 -0.93 0.32 17.20
N LEU A 240 0.38 0.52 17.03
CA LEU A 240 1.35 0.04 17.99
C LEU A 240 1.82 1.20 18.85
N THR A 241 1.64 1.09 20.16
CA THR A 241 2.10 2.05 21.14
C THR A 241 3.33 1.44 21.81
N VAL A 242 4.39 2.25 21.94
CA VAL A 242 5.61 1.83 22.57
C VAL A 242 5.76 2.71 23.81
N LEU A 243 5.64 2.10 24.98
CA LEU A 243 5.56 2.85 26.24
C LEU A 243 6.84 2.62 27.02
N GLY A 244 7.51 3.70 27.40
CA GLY A 244 8.59 3.62 28.40
C GLY A 244 9.95 3.77 27.76
N ALA B 1 3.33 -14.10 -8.57
CA ALA B 1 2.01 -13.66 -9.13
C ALA B 1 1.83 -12.14 -9.16
N PRO B 2 2.02 -11.41 -8.01
CA PRO B 2 2.16 -9.95 -8.15
C PRO B 2 3.58 -9.62 -8.65
N ASP B 3 4.03 -8.37 -8.53
CA ASP B 3 5.39 -8.00 -8.93
C ASP B 3 6.41 -8.54 -7.95
N THR B 4 7.04 -9.65 -8.28
CA THR B 4 8.05 -10.27 -7.41
C THR B 4 9.50 -9.96 -7.81
N ARG B 5 9.71 -8.94 -8.66
CA ARG B 5 11.07 -8.47 -8.98
C ARG B 5 11.67 -7.80 -7.74
N PRO B 6 12.90 -8.19 -7.35
CA PRO B 6 13.46 -7.65 -6.10
C PRO B 6 13.87 -6.17 -6.16
C1 EDO C . -8.49 -2.91 1.87
O1 EDO C . -9.36 -2.22 2.73
C2 EDO C . -8.77 -2.75 0.38
O2 EDO C . -7.55 -2.77 -0.37
C1 EDO D . 0.57 2.54 -20.87
O1 EDO D . -0.32 3.41 -20.17
C2 EDO D . 0.07 2.38 -22.29
O2 EDO D . 0.17 3.65 -22.96
C1 EDO E . 9.36 -10.48 -2.92
O1 EDO E . 8.16 -10.78 -3.64
C2 EDO E . 9.84 -9.05 -3.13
O2 EDO E . 10.02 -8.80 -4.53
C1 EDO F . 9.61 -16.37 -0.25
O1 EDO F . 8.78 -16.50 0.91
C2 EDO F . 10.30 -15.01 -0.21
O2 EDO F . 11.47 -15.03 0.62
C1 EDO G . -11.01 -5.70 10.42
O1 EDO G . -10.78 -5.06 9.15
C2 EDO G . -12.31 -6.48 10.45
O2 EDO G . -13.41 -5.57 10.39
C1 EDO H . 1.26 -12.25 19.22
O1 EDO H . -0.09 -11.89 19.57
C2 EDO H . 2.16 -11.29 19.95
O2 EDO H . 3.58 -11.53 19.90
C1 EDO I . 6.22 -4.68 28.36
O1 EDO I . 6.10 -3.42 29.02
C2 EDO I . 5.45 -4.59 27.07
O2 EDO I . 4.95 -5.85 26.71
C1 EDO J . -6.95 -10.73 14.75
O1 EDO J . -7.43 -11.81 13.91
C2 EDO J . -5.50 -10.42 14.41
O2 EDO J . -5.12 -10.86 13.09
C1 EDO K . 8.20 -13.93 18.35
O1 EDO K . 8.16 -13.82 19.78
C2 EDO K . 9.65 -13.88 17.90
O2 EDO K . 9.78 -14.33 16.56
C1 EDO L . 17.74 0.59 19.93
O1 EDO L . 18.11 0.92 21.27
C2 EDO L . 18.76 0.97 18.84
O2 EDO L . 19.30 2.30 18.88
F20 EEN M . 11.06 -9.94 -11.02
C8 EEN M . 10.98 -10.89 -12.04
F23 EEN M . 9.98 -10.53 -12.93
C7 EEN M . 10.65 -12.26 -11.43
O7 EEN M . 11.50 -13.14 -11.39
N2 EEN M . 9.40 -12.39 -10.97
C2 EEN M . 8.93 -13.64 -10.37
C1 EEN M . 8.74 -13.44 -8.87
O5 EEN M . 8.27 -14.66 -8.28
C5 EEN M . 6.96 -14.97 -8.78
C6 EEN M . 6.41 -16.19 -8.05
O6 EEN M . 6.51 -15.99 -6.64
C4 EEN M . 7.04 -15.25 -10.27
O4 EEN M . 7.91 -16.38 -10.49
C3 EEN M . 7.61 -14.04 -11.00
O3 EEN M . 7.80 -14.36 -12.38
#